data_7XZS
#
_entry.id   7XZS
#
_cell.length_a   67.460
_cell.length_b   67.460
_cell.length_c   141.060
_cell.angle_alpha   90.000
_cell.angle_beta   90.000
_cell.angle_gamma   90.000
#
_symmetry.space_group_name_H-M   'P 41 21 2'
#
loop_
_entity.id
_entity.type
_entity.pdbx_description
1 polymer 'Ricin A chain'
2 non-polymer '(2S)-2-[(2-azanyl-4-oxidanylidene-3H-pteridin-7-yl)carbonylamino]-3-(4-hydroxyphenyl)propanoic acid'
3 non-polymer 'SULFATE ION'
4 water water
#
_entity_poly.entity_id   1
_entity_poly.type   'polypeptide(L)'
_entity_poly.pdbx_seq_one_letter_code
;MHHHHHHIFPKQYPIINFTTAGATVQSYTNFIRAVRGRLTTGADVRHEIPVLPNRVGLPINQRFILVELSNHAELSVTLA
LDVTNAYVVGYRAGNSAYFFHPDNQEDAEAITHLFTDVQNRYTFAFGGNYDRLEQLAGNLRENIELGNGPLEEAISALYY
YSTGGTQLPTLARSFIICIQMISEAARFQYIEGEMRTRIRYNRRSAPDPSVITLENSWGRLSTAIQESNQGAFASPIQLQ
RRNGSKFSVYDVSILIPIIALMVYRCAPPPSSQF
;
_entity_poly.pdbx_strand_id   A
#
loop_
_chem_comp.id
_chem_comp.type
_chem_comp.name
_chem_comp.formula
I8T non-polymer '(2S)-2-[(2-azanyl-4-oxidanylidene-3H-pteridin-7-yl)carbonylamino]-3-(4-hydroxyphenyl)propanoic acid' 'C16 H14 N6 O5'
SO4 non-polymer 'SULFATE ION' 'O4 S -2'
#
# COMPACT_ATOMS: atom_id res chain seq x y z
N GLN A 12 8.20 -17.85 8.41
CA GLN A 12 7.39 -18.47 7.30
C GLN A 12 7.13 -17.48 6.17
N TYR A 13 6.42 -16.39 6.48
CA TYR A 13 6.14 -15.34 5.50
C TYR A 13 7.40 -14.52 5.21
N PRO A 14 7.62 -14.15 3.92
CA PRO A 14 8.80 -13.37 3.56
C PRO A 14 8.84 -12.00 4.25
N ILE A 15 10.05 -11.56 4.58
CA ILE A 15 10.27 -10.28 5.25
C ILE A 15 11.12 -9.38 4.34
N ILE A 16 10.66 -8.15 4.15
CA ILE A 16 11.45 -7.11 3.46
C ILE A 16 11.77 -6.03 4.49
N ASN A 17 13.04 -5.64 4.56
CA ASN A 17 13.52 -4.62 5.48
C ASN A 17 13.75 -3.27 4.82
N PHE A 18 13.30 -2.21 5.48
CA PHE A 18 13.60 -0.84 5.08
C PHE A 18 13.85 0.01 6.31
N THR A 19 14.82 0.90 6.21
CA THR A 19 15.01 1.92 7.23
C THR A 19 14.94 3.33 6.68
N THR A 20 14.33 4.22 7.46
CA THR A 20 14.33 5.66 7.16
C THR A 20 15.67 6.31 7.52
N ALA A 21 16.44 5.64 8.37
CA ALA A 21 17.76 6.10 8.77
C ALA A 21 18.71 6.15 7.56
N GLY A 22 19.11 7.36 7.19
CA GLY A 22 19.94 7.58 6.00
C GLY A 22 19.35 7.09 4.68
N ALA A 23 18.02 7.05 4.60
CA ALA A 23 17.34 6.61 3.37
C ALA A 23 17.72 7.49 2.19
N THR A 24 17.89 6.85 1.04
CA THR A 24 18.19 7.54 -0.21
C THR A 24 17.20 7.09 -1.26
N VAL A 25 17.18 7.81 -2.39
CA VAL A 25 16.38 7.41 -3.54
C VAL A 25 16.62 5.93 -3.87
N GLN A 26 17.90 5.53 -3.96
CA GLN A 26 18.26 4.16 -4.29
C GLN A 26 17.79 3.13 -3.27
N SER A 27 17.97 3.41 -1.97
CA SER A 27 17.56 2.44 -0.95
C SER A 27 16.04 2.27 -0.92
N TYR A 28 15.33 3.37 -1.11
CA TYR A 28 13.86 3.31 -1.21
C TYR A 28 13.41 2.57 -2.47
N THR A 29 14.08 2.83 -3.60
CA THR A 29 13.77 2.17 -4.86
C THR A 29 13.98 0.66 -4.73
N ASN A 30 15.11 0.26 -4.13
CA ASN A 30 15.38 -1.16 -3.88
C ASN A 30 14.29 -1.80 -3.04
N PHE A 31 13.84 -1.08 -2.02
CA PHE A 31 12.80 -1.53 -1.10
C PHE A 31 11.48 -1.78 -1.84
N ILE A 32 11.01 -0.79 -2.58
CA ILE A 32 9.75 -0.91 -3.32
C ILE A 32 9.79 -2.04 -4.36
N ARG A 33 10.91 -2.13 -5.09
CA ARG A 33 11.15 -3.26 -6.00
C ARG A 33 11.05 -4.61 -5.30
N ALA A 34 11.66 -4.72 -4.12
CA ALA A 34 11.61 -5.96 -3.34
C ALA A 34 10.18 -6.28 -2.89
N VAL A 35 9.44 -5.26 -2.46
CA VAL A 35 8.04 -5.43 -2.06
C VAL A 35 7.20 -5.98 -3.22
N ARG A 36 7.30 -5.35 -4.39
CA ARG A 36 6.61 -5.81 -5.58
C ARG A 36 6.94 -7.25 -5.95
N GLY A 37 8.22 -7.61 -5.82
CA GLY A 37 8.71 -8.95 -6.14
C GLY A 37 8.12 -10.03 -5.24
N ARG A 38 7.80 -9.66 -4.00
CA ARG A 38 7.18 -10.56 -3.03
C ARG A 38 5.65 -10.53 -3.11
N LEU A 39 5.09 -9.46 -3.67
CA LEU A 39 3.64 -9.36 -3.84
C LEU A 39 3.13 -10.16 -5.03
N THR A 40 3.81 -10.03 -6.18
CA THR A 40 3.44 -10.72 -7.42
C THR A 40 4.34 -11.92 -7.71
N THR A 41 3.76 -12.92 -8.35
CA THR A 41 4.44 -14.19 -8.64
C THR A 41 5.07 -14.22 -10.03
N GLY A 42 4.58 -13.35 -10.93
CA GLY A 42 4.99 -13.34 -12.33
C GLY A 42 4.06 -14.14 -13.24
N ALA A 43 3.10 -14.83 -12.62
CA ALA A 43 2.11 -15.67 -13.33
C ALA A 43 1.14 -14.87 -14.19
N ASP A 44 0.82 -13.66 -13.73
CA ASP A 44 -0.28 -12.87 -14.30
C ASP A 44 0.21 -11.49 -14.71
N VAL A 45 0.44 -11.31 -16.01
CA VAL A 45 0.89 -10.02 -16.58
C VAL A 45 0.00 -9.69 -17.78
N ARG A 46 -0.71 -8.57 -17.69
CA ARG A 46 -1.66 -8.17 -18.74
C ARG A 46 -1.34 -6.77 -19.21
N HIS A 47 -1.10 -6.64 -20.52
CA HIS A 47 -0.66 -5.39 -21.14
C HIS A 47 0.58 -4.81 -20.46
N GLU A 48 1.53 -5.72 -20.17
CA GLU A 48 2.80 -5.43 -19.49
C GLU A 48 2.65 -5.02 -18.01
N ILE A 49 1.43 -5.13 -17.48
CA ILE A 49 1.17 -4.79 -16.07
C ILE A 49 0.87 -6.05 -15.25
N PRO A 50 1.71 -6.34 -14.23
CA PRO A 50 1.48 -7.47 -13.34
C PRO A 50 0.18 -7.38 -12.53
N VAL A 51 -0.44 -8.52 -12.30
CA VAL A 51 -1.64 -8.63 -11.47
C VAL A 51 -1.28 -9.41 -10.21
N LEU A 52 -1.79 -8.95 -9.08
CA LEU A 52 -1.64 -9.63 -7.79
C LEU A 52 -2.37 -10.99 -7.79
N PRO A 53 -1.94 -11.92 -6.91
CA PRO A 53 -2.61 -13.23 -6.85
C PRO A 53 -4.11 -13.12 -6.58
N ASN A 54 -4.86 -13.99 -7.24
CA ASN A 54 -6.27 -14.18 -6.97
C ASN A 54 -6.46 -14.74 -5.55
N ARG A 55 -7.35 -14.10 -4.80
CA ARG A 55 -7.73 -14.51 -3.44
C ARG A 55 -8.31 -15.93 -3.42
N VAL A 56 -9.09 -16.26 -4.45
CA VAL A 56 -9.79 -17.55 -4.55
C VAL A 56 -8.80 -18.69 -4.73
N GLY A 57 -8.77 -19.60 -3.75
CA GLY A 57 -7.89 -20.76 -3.77
C GLY A 57 -6.44 -20.49 -3.38
N LEU A 58 -6.14 -19.27 -2.94
CA LEU A 58 -4.78 -18.93 -2.51
C LEU A 58 -4.49 -19.54 -1.14
N PRO A 59 -3.47 -20.43 -1.06
CA PRO A 59 -3.15 -21.07 0.21
C PRO A 59 -2.67 -20.07 1.26
N ILE A 60 -3.06 -20.30 2.52
CA ILE A 60 -2.72 -19.40 3.63
C ILE A 60 -1.22 -19.16 3.82
N ASN A 61 -0.39 -20.16 3.51
CA ASN A 61 1.08 -20.02 3.59
C ASN A 61 1.69 -19.06 2.56
N GLN A 62 0.84 -18.57 1.64
CA GLN A 62 1.28 -17.65 0.59
C GLN A 62 0.54 -16.31 0.66
N ARG A 63 -0.23 -16.10 1.73
CA ARG A 63 -1.18 -14.97 1.80
C ARG A 63 -0.57 -13.61 2.18
N PHE A 64 0.49 -13.63 2.97
CA PHE A 64 1.06 -12.41 3.53
C PHE A 64 2.54 -12.20 3.26
N ILE A 65 2.95 -10.94 3.26
CA ILE A 65 4.35 -10.56 3.35
C ILE A 65 4.54 -9.62 4.54
N LEU A 66 5.76 -9.56 5.04
CA LEU A 66 6.09 -8.74 6.21
C LEU A 66 7.06 -7.66 5.79
N VAL A 67 6.76 -6.44 6.22
CA VAL A 67 7.61 -5.28 5.94
C VAL A 67 8.09 -4.75 7.28
N GLU A 68 9.38 -4.97 7.54
CA GLU A 68 9.99 -4.52 8.80
C GLU A 68 10.60 -3.15 8.59
N LEU A 69 10.02 -2.17 9.27
CA LEU A 69 10.46 -0.78 9.17
C LEU A 69 11.29 -0.43 10.38
N SER A 70 12.49 0.08 10.13
CA SER A 70 13.36 0.60 11.17
C SER A 70 13.52 2.10 10.95
N ASN A 71 13.93 2.79 12.01
CA ASN A 71 14.19 4.23 11.89
C ASN A 71 15.50 4.66 12.56
N HIS A 72 15.82 5.95 12.44
CA HIS A 72 17.04 6.51 13.04
C HIS A 72 17.00 6.45 14.58
N ALA A 73 15.79 6.47 15.14
CA ALA A 73 15.57 6.32 16.59
C ALA A 73 15.85 4.90 17.12
N GLU A 74 16.31 4.00 16.24
CA GLU A 74 16.61 2.59 16.58
C GLU A 74 15.39 1.78 17.02
N LEU A 75 14.24 2.12 16.45
CA LEU A 75 13.00 1.41 16.72
C LEU A 75 12.58 0.67 15.46
N SER A 76 11.91 -0.46 15.66
CA SER A 76 11.38 -1.24 14.55
C SER A 76 9.93 -1.60 14.76
N VAL A 77 9.17 -1.56 13.67
CA VAL A 77 7.82 -2.12 13.60
C VAL A 77 7.73 -3.04 12.37
N THR A 78 6.86 -4.03 12.43
CA THR A 78 6.64 -4.93 11.28
C THR A 78 5.20 -4.84 10.81
N LEU A 79 5.03 -4.38 9.58
CA LEU A 79 3.72 -4.33 8.93
C LEU A 79 3.44 -5.65 8.22
N ALA A 80 2.20 -6.10 8.27
CA ALA A 80 1.76 -7.26 7.51
C ALA A 80 0.90 -6.81 6.34
N LEU A 81 1.26 -7.27 5.14
CA LEU A 81 0.54 -6.93 3.92
C LEU A 81 -0.07 -8.16 3.29
N ASP A 82 -1.33 -8.02 2.89
CA ASP A 82 -2.07 -9.06 2.16
C ASP A 82 -1.62 -8.99 0.70
N VAL A 83 -1.13 -10.12 0.17
CA VAL A 83 -0.60 -10.15 -1.19
C VAL A 83 -1.66 -9.95 -2.29
N THR A 84 -2.91 -10.22 -1.96
CA THR A 84 -4.00 -10.08 -2.94
C THR A 84 -4.30 -8.62 -3.27
N ASN A 85 -3.97 -7.70 -2.37
CA ASN A 85 -4.33 -6.29 -2.58
C ASN A 85 -3.30 -5.28 -2.06
N ALA A 86 -2.19 -5.78 -1.51
CA ALA A 86 -1.14 -4.98 -0.85
C ALA A 86 -1.62 -4.21 0.39
N TYR A 87 -2.79 -4.58 0.92
CA TYR A 87 -3.42 -3.92 2.07
C TYR A 87 -2.60 -4.19 3.34
N VAL A 88 -2.33 -3.13 4.09
CA VAL A 88 -1.72 -3.26 5.42
C VAL A 88 -2.82 -3.72 6.37
N VAL A 89 -2.70 -4.96 6.86
CA VAL A 89 -3.76 -5.56 7.69
C VAL A 89 -3.52 -5.36 9.18
N GLY A 90 -2.28 -5.05 9.54
CA GLY A 90 -1.89 -4.85 10.92
C GLY A 90 -0.40 -4.69 11.09
N TYR A 91 0.04 -4.60 12.34
CA TYR A 91 1.45 -4.45 12.64
C TYR A 91 1.86 -5.05 13.97
N ARG A 92 3.16 -5.36 14.09
CA ARG A 92 3.76 -5.79 15.36
C ARG A 92 4.78 -4.77 15.82
N ALA A 93 4.72 -4.42 17.10
CA ALA A 93 5.78 -3.66 17.76
C ALA A 93 6.11 -4.35 19.08
N GLY A 94 7.28 -4.97 19.13
CA GLY A 94 7.75 -5.72 20.30
C GLY A 94 6.78 -6.83 20.68
N ASN A 95 6.21 -6.69 21.88
CA ASN A 95 5.32 -7.69 22.50
C ASN A 95 3.82 -7.57 22.16
N SER A 96 3.48 -6.63 21.28
CA SER A 96 2.08 -6.41 20.91
C SER A 96 1.88 -6.36 19.39
N ALA A 97 0.75 -6.92 18.96
CA ALA A 97 0.30 -6.82 17.57
C ALA A 97 -1.12 -6.27 17.50
N TYR A 98 -1.37 -5.48 16.46
CA TYR A 98 -2.64 -4.79 16.27
C TYR A 98 -3.13 -5.00 14.86
N PHE A 99 -4.37 -5.44 14.72
CA PHE A 99 -4.98 -5.68 13.41
C PHE A 99 -6.21 -4.82 13.22
N PHE A 100 -6.39 -4.29 12.01
CA PHE A 100 -7.61 -3.57 11.66
C PHE A 100 -8.81 -4.52 11.70
N HIS A 101 -9.99 -3.96 11.97
CA HIS A 101 -11.23 -4.74 11.94
C HIS A 101 -11.39 -5.38 10.55
N PRO A 102 -11.40 -6.73 10.49
CA PRO A 102 -11.48 -7.42 9.21
C PRO A 102 -12.82 -7.20 8.50
N ASP A 103 -12.73 -7.00 7.18
CA ASP A 103 -13.88 -6.69 6.33
C ASP A 103 -14.78 -7.91 6.02
N ASN A 104 -14.25 -9.11 6.27
CA ASN A 104 -15.00 -10.37 6.14
C ASN A 104 -14.46 -11.51 7.02
N GLN A 105 -15.21 -12.61 7.06
CA GLN A 105 -14.89 -13.77 7.90
C GLN A 105 -13.57 -14.46 7.56
N GLU A 106 -13.27 -14.59 6.27
CA GLU A 106 -12.04 -15.27 5.86
C GLU A 106 -10.79 -14.39 6.02
N ASP A 107 -10.94 -13.07 5.91
CA ASP A 107 -9.85 -12.14 6.26
C ASP A 107 -9.56 -12.15 7.75
N ALA A 108 -10.60 -12.35 8.56
CA ALA A 108 -10.48 -12.52 10.02
C ALA A 108 -9.75 -13.82 10.39
N GLU A 109 -10.06 -14.90 9.67
CA GLU A 109 -9.34 -16.17 9.85
C GLU A 109 -7.89 -16.03 9.43
N ALA A 110 -7.66 -15.36 8.29
CA ALA A 110 -6.31 -15.18 7.74
C ALA A 110 -5.32 -14.53 8.71
N ILE A 111 -5.77 -13.47 9.41
CA ILE A 111 -4.91 -12.72 10.33
C ILE A 111 -4.50 -13.48 11.60
N THR A 112 -5.23 -14.55 11.93
CA THR A 112 -4.85 -15.46 13.02
C THR A 112 -3.54 -16.22 12.73
N HIS A 113 -3.11 -16.20 11.47
CA HIS A 113 -1.85 -16.83 11.04
C HIS A 113 -0.66 -15.86 11.11
N LEU A 114 -0.90 -14.62 11.56
CA LEU A 114 0.15 -13.60 11.64
C LEU A 114 0.59 -13.33 13.06
N PHE A 115 1.90 -13.13 13.24
CA PHE A 115 2.53 -12.80 14.52
C PHE A 115 2.04 -13.74 15.64
N THR A 116 2.16 -15.04 15.39
CA THR A 116 1.57 -16.06 16.27
C THR A 116 2.29 -16.20 17.62
N ASP A 117 3.55 -15.76 17.65
CA ASP A 117 4.39 -15.82 18.87
C ASP A 117 4.28 -14.58 19.77
N VAL A 118 3.50 -13.59 19.34
CA VAL A 118 3.34 -12.33 20.07
C VAL A 118 2.49 -12.52 21.34
N GLN A 119 2.89 -11.84 22.42
CA GLN A 119 2.25 -11.98 23.74
C GLN A 119 0.85 -11.38 23.79
N ASN A 120 0.68 -10.21 23.18
CA ASN A 120 -0.58 -9.47 23.21
C ASN A 120 -1.14 -9.23 21.81
N ARG A 121 -2.31 -9.81 21.55
CA ARG A 121 -3.00 -9.68 20.26
C ARG A 121 -4.23 -8.81 20.39
N TYR A 122 -4.31 -7.77 19.56
CA TYR A 122 -5.47 -6.88 19.54
C TYR A 122 -6.04 -6.73 18.14
N THR A 123 -7.35 -6.72 18.07
CA THR A 123 -8.06 -6.30 16.88
C THR A 123 -8.70 -4.95 17.20
N PHE A 124 -8.33 -3.94 16.40
CA PHE A 124 -8.98 -2.63 16.43
C PHE A 124 -10.47 -2.80 16.13
N ALA A 125 -11.28 -1.96 16.77
CA ALA A 125 -12.71 -1.93 16.51
C ALA A 125 -13.04 -1.23 15.19
N PHE A 126 -12.06 -0.53 14.63
CA PHE A 126 -12.21 0.19 13.37
C PHE A 126 -11.50 -0.50 12.21
N GLY A 127 -12.04 -0.32 11.01
CA GLY A 127 -11.41 -0.81 9.78
C GLY A 127 -10.24 0.08 9.39
N GLY A 128 -9.45 -0.38 8.43
CA GLY A 128 -8.23 0.30 8.04
C GLY A 128 -8.26 1.09 6.73
N ASN A 129 -9.44 1.30 6.16
CA ASN A 129 -9.57 2.11 4.94
C ASN A 129 -9.30 3.59 5.22
N TYR A 130 -8.93 4.33 4.18
CA TYR A 130 -8.62 5.77 4.31
C TYR A 130 -9.75 6.55 4.97
N ASP A 131 -11.00 6.30 4.56
CA ASP A 131 -12.16 7.01 5.11
C ASP A 131 -12.21 7.00 6.64
N ARG A 132 -12.03 5.81 7.22
CA ARG A 132 -12.02 5.62 8.65
C ARG A 132 -10.78 6.23 9.31
N LEU A 133 -9.62 6.04 8.68
CA LEU A 133 -8.36 6.53 9.23
C LEU A 133 -8.28 8.06 9.22
N GLU A 134 -8.81 8.67 8.16
CA GLU A 134 -8.90 10.14 8.04
C GLU A 134 -9.81 10.73 9.11
N GLN A 135 -10.95 10.07 9.35
CA GLN A 135 -11.87 10.44 10.43
C GLN A 135 -11.17 10.45 11.78
N LEU A 136 -10.44 9.37 12.08
CA LEU A 136 -9.71 9.24 13.35
C LEU A 136 -8.52 10.21 13.46
N ALA A 137 -7.83 10.45 12.35
CA ALA A 137 -6.70 11.39 12.32
C ALA A 137 -7.12 12.85 12.46
N GLY A 138 -8.37 13.15 12.09
CA GLY A 138 -8.87 14.53 12.03
C GLY A 138 -8.30 15.31 10.86
N ASN A 139 -7.76 14.59 9.87
CA ASN A 139 -7.22 15.18 8.65
C ASN A 139 -7.39 14.26 7.46
N LEU A 140 -7.63 14.85 6.30
CA LEU A 140 -7.66 14.12 5.03
C LEU A 140 -6.24 13.87 4.54
N ARG A 141 -6.09 12.89 3.65
CA ARG A 141 -4.80 12.61 3.00
C ARG A 141 -4.16 13.85 2.39
N GLU A 142 -4.96 14.72 1.75
CA GLU A 142 -4.48 15.96 1.14
C GLU A 142 -3.77 16.92 2.10
N ASN A 143 -3.98 16.71 3.40
CA ASN A 143 -3.38 17.56 4.44
C ASN A 143 -2.39 16.84 5.37
N ILE A 144 -2.01 15.62 5.01
CA ILE A 144 -1.03 14.84 5.77
C ILE A 144 0.27 14.74 4.96
N GLU A 145 1.35 15.28 5.54
CA GLU A 145 2.64 15.33 4.87
C GLU A 145 3.28 13.94 4.76
N LEU A 146 3.86 13.69 3.59
CA LEU A 146 4.56 12.45 3.29
C LEU A 146 6.02 12.73 3.00
N GLY A 147 6.86 11.73 3.22
CA GLY A 147 8.30 11.85 3.01
C GLY A 147 9.07 11.05 4.04
N ASN A 148 10.38 11.14 4.01
CA ASN A 148 11.20 10.35 4.92
C ASN A 148 11.04 10.75 6.37
N GLY A 149 10.93 12.06 6.63
CA GLY A 149 10.67 12.59 7.96
C GLY A 149 9.35 12.07 8.54
N PRO A 150 8.23 12.27 7.81
CA PRO A 150 6.97 11.70 8.28
C PRO A 150 7.01 10.19 8.54
N LEU A 151 7.69 9.43 7.69
CA LEU A 151 7.80 7.97 7.88
C LEU A 151 8.61 7.60 9.12
N GLU A 152 9.74 8.29 9.30
CA GLU A 152 10.57 8.18 10.51
C GLU A 152 9.72 8.35 11.77
N GLU A 153 8.91 9.41 11.79
CA GLU A 153 8.04 9.75 12.92
C GLU A 153 6.90 8.75 13.07
N ALA A 154 6.38 8.27 11.94
CA ALA A 154 5.30 7.27 11.93
C ALA A 154 5.73 5.95 12.57
N ILE A 155 6.97 5.53 12.29
CA ILE A 155 7.53 4.29 12.85
C ILE A 155 7.62 4.39 14.38
N SER A 156 8.10 5.53 14.87
CA SER A 156 8.15 5.80 16.32
C SER A 156 6.76 5.79 16.95
N ALA A 157 5.79 6.44 16.29
CA ALA A 157 4.41 6.52 16.77
C ALA A 157 3.73 5.15 16.87
N LEU A 158 3.91 4.33 15.84
CA LEU A 158 3.44 2.94 15.86
C LEU A 158 4.09 2.15 16.99
N TYR A 159 5.41 2.32 17.14
CA TYR A 159 6.17 1.63 18.18
C TYR A 159 5.63 1.92 19.58
N TYR A 160 5.36 3.20 19.87
CA TYR A 160 4.99 3.62 21.23
C TYR A 160 3.49 3.55 21.58
N TYR A 161 2.66 3.07 20.65
CA TYR A 161 1.20 3.02 20.86
C TYR A 161 0.75 2.21 22.09
N SER A 162 1.35 1.05 22.28
CA SER A 162 0.93 0.11 23.34
C SER A 162 1.22 0.63 24.75
N THR A 163 2.17 1.55 24.87
CA THR A 163 2.57 2.09 26.17
C THR A 163 1.88 3.42 26.52
N GLY A 164 1.01 3.89 25.64
CA GLY A 164 0.22 5.10 25.87
C GLY A 164 0.81 6.40 25.35
N GLY A 165 1.97 6.30 24.71
CA GLY A 165 2.69 7.46 24.17
C GLY A 165 2.08 8.09 22.94
N THR A 166 1.24 7.34 22.24
CA THR A 166 0.70 7.76 20.95
C THR A 166 -0.82 7.94 21.01
N GLN A 167 -1.28 9.17 20.76
CA GLN A 167 -2.71 9.47 20.68
C GLN A 167 -3.31 8.80 19.45
N LEU A 168 -4.58 8.44 19.52
CA LEU A 168 -5.28 7.80 18.39
C LEU A 168 -5.20 8.57 17.06
N PRO A 169 -5.39 9.93 17.07
CA PRO A 169 -5.23 10.67 15.82
C PRO A 169 -3.84 10.54 15.20
N THR A 170 -2.81 10.55 16.04
CA THR A 170 -1.41 10.37 15.61
C THR A 170 -1.17 8.97 15.04
N LEU A 171 -1.74 7.94 15.70
CA LEU A 171 -1.66 6.56 15.19
C LEU A 171 -2.29 6.42 13.80
N ALA A 172 -3.50 7.00 13.64
CA ALA A 172 -4.22 6.98 12.35
C ALA A 172 -3.42 7.69 11.25
N ARG A 173 -2.88 8.87 11.59
CA ARG A 173 -2.03 9.64 10.68
CA ARG A 173 -2.02 9.65 10.69
C ARG A 173 -0.83 8.81 10.24
N SER A 174 -0.21 8.13 11.21
CA SER A 174 0.97 7.29 10.98
C SER A 174 0.68 6.12 10.05
N PHE A 175 -0.49 5.48 10.23
CA PHE A 175 -0.94 4.45 9.29
C PHE A 175 -1.09 5.01 7.88
N ILE A 176 -1.73 6.19 7.77
CA ILE A 176 -1.94 6.86 6.48
C ILE A 176 -0.60 7.10 5.76
N ILE A 177 0.41 7.52 6.52
CA ILE A 177 1.77 7.71 5.97
C ILE A 177 2.35 6.39 5.46
N CYS A 178 2.33 5.36 6.32
CA CYS A 178 2.88 4.05 5.98
C CYS A 178 2.22 3.43 4.76
N ILE A 179 0.89 3.46 4.74
CA ILE A 179 0.12 2.87 3.65
C ILE A 179 0.50 3.50 2.31
N GLN A 180 0.61 4.83 2.27
CA GLN A 180 0.91 5.51 1.02
C GLN A 180 2.35 5.31 0.56
N MET A 181 3.29 5.33 1.51
CA MET A 181 4.71 5.23 1.16
C MET A 181 5.17 3.80 0.88
N ILE A 182 4.34 2.83 1.25
CA ILE A 182 4.65 1.42 1.02
C ILE A 182 3.68 0.82 0.01
N SER A 183 2.42 0.66 0.40
CA SER A 183 1.43 0.01 -0.46
C SER A 183 1.11 0.79 -1.73
N GLU A 184 0.83 2.09 -1.60
CA GLU A 184 0.51 2.88 -2.80
C GLU A 184 1.69 3.02 -3.74
N ALA A 185 2.88 3.18 -3.15
CA ALA A 185 4.13 3.22 -3.93
C ALA A 185 4.38 1.90 -4.66
N ALA A 186 4.08 0.78 -4.02
CA ALA A 186 4.17 -0.53 -4.68
C ALA A 186 3.17 -0.66 -5.84
N ARG A 187 1.95 -0.16 -5.64
CA ARG A 187 0.90 -0.22 -6.66
C ARG A 187 1.19 0.67 -7.87
N PHE A 188 1.78 1.85 -7.63
CA PHE A 188 1.95 2.85 -8.69
C PHE A 188 3.38 3.34 -8.80
N GLN A 189 4.04 3.09 -9.94
CA GLN A 189 5.37 3.71 -10.18
C GLN A 189 5.30 5.22 -10.04
N TYR A 190 4.19 5.82 -10.42
CA TYR A 190 4.01 7.26 -10.29
C TYR A 190 4.12 7.73 -8.84
N ILE A 191 3.49 7.00 -7.92
CA ILE A 191 3.50 7.38 -6.50
C ILE A 191 4.87 7.10 -5.91
N GLU A 192 5.46 5.96 -6.29
CA GLU A 192 6.86 5.68 -5.94
C GLU A 192 7.77 6.86 -6.35
N GLY A 193 7.59 7.35 -7.58
CA GLY A 193 8.36 8.48 -8.10
C GLY A 193 8.20 9.74 -7.25
N GLU A 194 6.96 10.02 -6.84
CA GLU A 194 6.69 11.17 -5.96
C GLU A 194 7.34 11.03 -4.59
N MET A 195 7.41 9.81 -4.08
CA MET A 195 8.09 9.55 -2.81
C MET A 195 9.62 9.65 -2.97
N ARG A 196 10.14 9.17 -4.11
CA ARG A 196 11.56 9.30 -4.43
C ARG A 196 11.99 10.77 -4.40
N THR A 197 11.17 11.63 -5.01
CA THR A 197 11.44 13.08 -5.04
C THR A 197 11.54 13.66 -3.64
N ARG A 198 10.58 13.34 -2.78
CA ARG A 198 10.58 13.81 -1.39
C ARG A 198 11.84 13.36 -0.65
N ILE A 199 12.24 12.12 -0.88
CA ILE A 199 13.43 11.55 -0.23
C ILE A 199 14.70 12.24 -0.75
N ARG A 200 14.81 12.39 -2.07
CA ARG A 200 15.97 13.03 -2.71
C ARG A 200 16.30 14.39 -2.10
N TYR A 201 15.28 15.20 -1.87
CA TYR A 201 15.47 16.57 -1.37
C TYR A 201 15.23 16.74 0.12
N ASN A 202 14.91 15.64 0.80
CA ASN A 202 14.50 15.64 2.21
C ASN A 202 13.44 16.71 2.51
N ARG A 203 12.44 16.77 1.64
CA ARG A 203 11.39 17.77 1.74
C ARG A 203 10.04 17.06 1.79
N ARG A 204 9.42 17.12 2.97
CA ARG A 204 8.08 16.57 3.17
C ARG A 204 7.02 17.44 2.51
N SER A 205 5.98 16.79 1.99
CA SER A 205 4.83 17.48 1.42
C SER A 205 3.64 16.54 1.35
N ALA A 206 2.46 17.11 1.50
CA ALA A 206 1.19 16.39 1.36
C ALA A 206 0.99 15.96 -0.11
N PRO A 207 0.29 14.83 -0.34
CA PRO A 207 0.07 14.38 -1.73
C PRO A 207 -0.86 15.29 -2.53
N ASP A 208 -0.41 15.63 -3.73
CA ASP A 208 -1.20 16.45 -4.66
C ASP A 208 -2.38 15.64 -5.27
N PRO A 209 -3.29 16.30 -6.03
CA PRO A 209 -4.44 15.57 -6.58
C PRO A 209 -4.12 14.40 -7.51
N SER A 210 -2.97 14.44 -8.21
CA SER A 210 -2.57 13.30 -9.05
C SER A 210 -2.35 12.03 -8.22
N VAL A 211 -1.73 12.20 -7.05
CA VAL A 211 -1.52 11.09 -6.12
C VAL A 211 -2.85 10.58 -5.55
N ILE A 212 -3.66 11.51 -5.03
CA ILE A 212 -4.95 11.17 -4.42
C ILE A 212 -5.88 10.43 -5.40
N THR A 213 -6.03 10.98 -6.61
CA THR A 213 -6.93 10.38 -7.61
C THR A 213 -6.44 9.01 -8.10
N LEU A 214 -5.13 8.82 -8.19
CA LEU A 214 -4.59 7.49 -8.48
C LEU A 214 -4.92 6.48 -7.38
N GLU A 215 -4.69 6.86 -6.12
CA GLU A 215 -5.02 6.00 -4.98
C GLU A 215 -6.50 5.62 -5.00
N ASN A 216 -7.36 6.61 -5.21
CA ASN A 216 -8.80 6.40 -5.23
C ASN A 216 -9.29 5.56 -6.40
N SER A 217 -8.53 5.55 -7.49
CA SER A 217 -8.94 4.88 -8.72
C SER A 217 -8.30 3.52 -8.97
N TRP A 218 -7.48 3.04 -8.03
CA TRP A 218 -6.75 1.78 -8.25
C TRP A 218 -7.65 0.59 -8.62
N GLY A 219 -8.72 0.41 -7.86
CA GLY A 219 -9.70 -0.65 -8.12
C GLY A 219 -10.33 -0.53 -9.50
N ARG A 220 -10.80 0.69 -9.82
CA ARG A 220 -11.46 0.97 -11.09
C ARG A 220 -10.52 0.85 -12.29
N LEU A 221 -9.28 1.33 -12.14
CA LEU A 221 -8.27 1.18 -13.18
C LEU A 221 -7.94 -0.29 -13.44
N SER A 222 -7.80 -1.05 -12.35
CA SER A 222 -7.55 -2.49 -12.44
C SER A 222 -8.65 -3.20 -13.21
N THR A 223 -9.90 -2.90 -12.86
CA THR A 223 -11.04 -3.51 -13.55
C THR A 223 -11.12 -3.08 -15.02
N ALA A 224 -10.97 -1.78 -15.27
CA ALA A 224 -11.01 -1.26 -16.64
C ALA A 224 -9.96 -1.89 -17.56
N ILE A 225 -8.73 -2.04 -17.05
CA ILE A 225 -7.66 -2.69 -17.81
C ILE A 225 -8.02 -4.15 -18.09
N GLN A 226 -8.48 -4.84 -17.06
CA GLN A 226 -8.76 -6.27 -17.16
C GLN A 226 -9.97 -6.58 -18.05
N GLU A 227 -10.94 -5.66 -18.08
CA GLU A 227 -12.13 -5.78 -18.91
C GLU A 227 -11.98 -5.15 -20.30
N SER A 228 -10.85 -4.49 -20.55
CA SER A 228 -10.63 -3.77 -21.81
C SER A 228 -10.70 -4.65 -23.05
N ASN A 229 -11.08 -4.03 -24.17
CA ASN A 229 -11.05 -4.70 -25.45
C ASN A 229 -9.72 -4.37 -26.13
N GLN A 230 -8.78 -5.31 -26.02
CA GLN A 230 -7.43 -5.17 -26.58
C GLN A 230 -6.71 -3.93 -26.01
N GLY A 231 -7.03 -3.56 -24.77
CA GLY A 231 -6.44 -2.39 -24.13
C GLY A 231 -7.33 -1.15 -24.10
N ALA A 232 -8.38 -1.14 -24.94
CA ALA A 232 -9.27 0.01 -25.05
C ALA A 232 -10.39 -0.07 -24.01
N PHE A 233 -10.55 0.99 -23.24
CA PHE A 233 -11.60 1.07 -22.20
C PHE A 233 -12.95 1.29 -22.86
N ALA A 234 -13.99 0.62 -22.34
CA ALA A 234 -15.36 0.89 -22.79
C ALA A 234 -15.82 2.26 -22.28
N SER A 235 -15.43 2.59 -21.06
CA SER A 235 -15.73 3.86 -20.42
C SER A 235 -14.42 4.53 -20.00
N PRO A 236 -14.27 5.84 -20.29
CA PRO A 236 -13.06 6.54 -19.83
C PRO A 236 -13.04 6.69 -18.31
N ILE A 237 -11.85 6.78 -17.74
CA ILE A 237 -11.66 7.06 -16.31
C ILE A 237 -11.03 8.43 -16.18
N GLN A 238 -11.62 9.26 -15.32
CA GLN A 238 -11.13 10.61 -15.10
C GLN A 238 -10.18 10.64 -13.91
N LEU A 239 -8.96 11.12 -14.17
CA LEU A 239 -7.98 11.35 -13.14
C LEU A 239 -7.70 12.84 -13.04
N GLN A 240 -6.83 13.23 -12.11
CA GLN A 240 -6.38 14.61 -12.01
C GLN A 240 -4.87 14.69 -12.17
N ARG A 241 -4.41 15.79 -12.76
CA ARG A 241 -2.99 16.12 -12.86
C ARG A 241 -2.53 16.75 -11.53
N ARG A 242 -1.22 16.96 -11.41
CA ARG A 242 -0.62 17.63 -10.24
C ARG A 242 -1.27 18.97 -9.90
N ASN A 243 -1.66 19.72 -10.93
CA ASN A 243 -2.32 21.02 -10.76
C ASN A 243 -3.84 20.97 -10.55
N GLY A 244 -4.39 19.76 -10.49
CA GLY A 244 -5.83 19.55 -10.26
C GLY A 244 -6.70 19.44 -11.50
N SER A 245 -6.13 19.71 -12.67
CA SER A 245 -6.84 19.64 -13.94
C SER A 245 -7.16 18.18 -14.32
N LYS A 246 -8.24 17.99 -15.08
CA LYS A 246 -8.72 16.66 -15.47
C LYS A 246 -7.83 15.99 -16.52
N PHE A 247 -7.62 14.69 -16.34
CA PHE A 247 -6.91 13.84 -17.30
C PHE A 247 -7.78 12.63 -17.58
N SER A 248 -8.18 12.45 -18.83
CA SER A 248 -9.02 11.33 -19.25
C SER A 248 -8.17 10.15 -19.72
N VAL A 249 -8.46 8.98 -19.17
CA VAL A 249 -7.78 7.72 -19.52
C VAL A 249 -8.72 6.87 -20.38
N TYR A 250 -8.29 6.57 -21.60
CA TYR A 250 -9.09 5.80 -22.55
C TYR A 250 -8.54 4.42 -22.84
N ASP A 251 -7.29 4.18 -22.41
CA ASP A 251 -6.52 3.02 -22.85
C ASP A 251 -5.49 2.63 -21.80
N VAL A 252 -5.15 1.34 -21.76
CA VAL A 252 -4.09 0.84 -20.89
C VAL A 252 -2.72 1.46 -21.20
N SER A 253 -2.48 1.80 -22.46
CA SER A 253 -1.16 2.24 -22.93
C SER A 253 -0.56 3.36 -22.07
N ILE A 254 -1.38 4.36 -21.76
CA ILE A 254 -0.97 5.54 -21.00
C ILE A 254 -0.66 5.21 -19.54
N LEU A 255 -1.20 4.08 -19.07
CA LEU A 255 -1.03 3.65 -17.68
C LEU A 255 0.18 2.76 -17.43
N ILE A 256 0.79 2.23 -18.49
CA ILE A 256 1.95 1.34 -18.35
C ILE A 256 3.09 1.97 -17.49
N PRO A 257 3.45 3.27 -17.72
CA PRO A 257 4.46 3.88 -16.84
C PRO A 257 3.95 4.33 -15.46
N ILE A 258 2.64 4.21 -15.22
CA ILE A 258 1.99 4.80 -14.04
C ILE A 258 1.63 3.74 -12.99
N ILE A 259 1.01 2.65 -13.45
CA ILE A 259 0.53 1.57 -12.56
C ILE A 259 1.49 0.39 -12.64
N ALA A 260 1.96 -0.06 -11.48
CA ALA A 260 2.93 -1.16 -11.38
C ALA A 260 2.29 -2.50 -11.12
N LEU A 261 1.17 -2.50 -10.40
CA LEU A 261 0.47 -3.72 -9.98
C LEU A 261 -1.03 -3.47 -10.00
N MET A 262 -1.79 -4.49 -10.40
CA MET A 262 -3.26 -4.44 -10.34
C MET A 262 -3.80 -5.47 -9.37
N VAL A 263 -4.95 -5.17 -8.77
CA VAL A 263 -5.71 -6.17 -7.99
C VAL A 263 -6.42 -7.10 -8.99
N TYR A 264 -6.47 -8.40 -8.69
CA TYR A 264 -7.18 -9.36 -9.54
C TYR A 264 -8.69 -9.10 -9.51
N ARG A 265 -9.27 -8.90 -10.68
CA ARG A 265 -10.71 -8.59 -10.80
C ARG A 265 -11.49 -9.66 -11.54
N CYS A 266 -10.92 -10.14 -12.64
CA CYS A 266 -11.51 -11.23 -13.44
C CYS A 266 -10.42 -12.03 -14.16
N ALA A 267 -10.82 -13.20 -14.65
CA ALA A 267 -9.96 -14.06 -15.47
C ALA A 267 -9.62 -13.35 -16.79
N PRO A 268 -8.37 -13.48 -17.27
CA PRO A 268 -8.03 -12.87 -18.56
C PRO A 268 -8.73 -13.60 -19.71
N PRO A 269 -9.33 -12.85 -20.66
CA PRO A 269 -9.97 -13.46 -21.83
C PRO A 269 -8.98 -14.23 -22.70
N PRO A 270 -9.45 -15.23 -23.48
CA PRO A 270 -8.56 -15.92 -24.41
C PRO A 270 -8.05 -14.97 -25.50
N SER A 271 -6.83 -15.22 -25.96
CA SER A 271 -6.25 -14.49 -27.10
C SER A 271 -7.05 -14.83 -28.36
N SER A 272 -7.26 -13.82 -29.21
CA SER A 272 -7.98 -14.02 -30.46
C SER A 272 -7.00 -14.14 -31.63
N GLN A 273 -6.89 -15.35 -32.16
CA GLN A 273 -5.97 -15.66 -33.25
C GLN A 273 -6.47 -15.11 -34.58
N PHE A 274 -5.76 -14.12 -35.11
CA PHE A 274 -6.10 -13.50 -36.40
C PHE A 274 -5.63 -14.38 -37.56
C2 I8T B . -4.89 -0.15 4.48
C4 I8T B . -3.97 -0.23 2.25
C6 I8T B . -6.27 1.74 0.12
C7 I8T B . -7.22 2.13 1.07
N I8T B . -8.73 2.90 -0.56
C I8T B . -11.15 2.53 -1.05
O I8T B . -12.20 2.81 -0.45
N1 I8T B . -5.91 0.62 4.03
N2 I8T B . -4.83 -0.47 5.77
N3 I8T B . -3.90 -0.58 3.61
CD1 I8T B . -11.91 5.29 -3.43
CE1 I8T B . -12.97 6.19 -3.55
CZ I8T B . -13.16 7.18 -2.56
OH I8T B . -14.20 8.06 -2.67
CE2 I8T B . -12.28 7.27 -1.48
CD2 I8T B . -11.22 6.37 -1.38
CG I8T B . -11.03 5.38 -2.35
CB I8T B . -9.86 4.37 -2.26
CA I8T B . -9.99 3.56 -0.96
OXT I8T B . -10.95 1.48 -1.72
CAL I8T B . -8.37 2.87 0.74
OAQ I8T B . -9.10 3.29 1.63
N8 I8T B . -7.06 1.72 2.35
C8A I8T B . -6.00 0.98 2.73
O4 I8T B . -3.08 -0.62 1.50
C4A I8T B . -5.04 0.57 1.81
N5 I8T B . -5.17 0.95 0.52
C2 I8T C . -7.75 -7.21 3.79
C4 I8T C . -9.19 -5.72 5.05
C6 I8T C . -10.81 -3.50 2.58
C7 I8T C . -10.24 -4.00 1.40
N I8T C . -10.61 -4.37 -0.85
C I8T C . -11.98 -5.01 -2.85
O I8T C . -12.37 -5.95 -2.13
N1 I8T C . -8.14 -6.61 2.64
N2 I8T C . -6.90 -8.22 3.75
N3 I8T C . -8.27 -6.78 5.02
CD1 I8T C . -9.60 -1.63 -3.83
CE1 I8T C . -9.07 -0.34 -3.78
CZ I8T C . -7.99 -0.05 -2.95
OH I8T C . -7.51 1.21 -2.93
CE2 I8T C . -7.42 -1.05 -2.15
CD2 I8T C . -7.95 -2.35 -2.19
CG I8T C . -9.03 -2.63 -3.03
CB I8T C . -9.64 -4.04 -3.10
CA I8T C . -10.94 -4.04 -2.26
OXT I8T C . -12.41 -4.75 -4.00
CAL I8T C . -10.58 -3.46 0.15
OAQ I8T C . -10.85 -2.26 0.01
N8 I8T C . -9.37 -5.02 1.47
C8A I8T C . -9.02 -5.59 2.64
O4 I8T C . -9.63 -5.35 6.13
C4A I8T C . -9.56 -5.11 3.85
N5 I8T C . -10.44 -4.08 3.81
S SO4 D . 23.08 5.47 -2.41
O1 SO4 D . 23.64 4.62 -3.48
O2 SO4 D . 22.62 6.76 -2.95
O3 SO4 D . 21.96 4.76 -1.78
O4 SO4 D . 24.11 5.73 -1.38
S SO4 E . -15.25 0.44 9.74
O1 SO4 E . -14.89 -0.96 9.45
O2 SO4 E . -14.82 1.30 8.63
O3 SO4 E . -14.57 0.87 10.99
O4 SO4 E . -16.71 0.55 9.93
#